data_4EGE
#
_entry.id   4EGE
#
_cell.length_a   120.420
_cell.length_b   120.420
_cell.length_c   58.240
_cell.angle_alpha   90.000
_cell.angle_beta   90.000
_cell.angle_gamma   90.000
#
_symmetry.space_group_name_H-M   'P 41 21 2'
#
loop_
_entity.id
_entity.type
_entity.pdbx_description
1 polymer 'Dipeptidase PepE'
2 non-polymer 1,2-ETHANEDIOL
3 non-polymer 'ZINC ION'
4 non-polymer 'UNKNOWN ATOM OR ION'
5 water water
#
_entity_poly.entity_id   1
_entity_poly.type   'polypeptide(L)'
_entity_poly.pdbx_seq_one_letter_code
;GPGSMDSGRFDTAVYARRLAAAAAATEQAGLAGLVITPGYDLRYLIGSRADTFERLTALVLPASGVPTIVLPRLELASLK
ESAASDLGVCVRDWVDGDDPYQLVAVALGGAPAATAVTDSMPALHLLPLADALGVLPVLATDVLRQLRMVKEAAEVDALA
KAGAAIDRVHARVPAFLVPGRTEAQVAADIAEAIVAEGHSAVAFVIVGSGPHGADPHHGYSDRKLQVGDIVVVDIGGTYE
PGYYSDSTRTYSIGDPSPDVAQQYSALQRAQRAAVDAVRPGVTAAQVDAAARDVLADAGLAEYFVHRTGHGIGLCVHEEP
YIVAGNELPLVAGMAFSIEPGIYFPGRWGARIEDIVVVTENGALSVNNRPHELMVVPV
;
_entity_poly.pdbx_strand_id   A
#
loop_
_chem_comp.id
_chem_comp.type
_chem_comp.name
_chem_comp.formula
EDO non-polymer 1,2-ETHANEDIOL 'C2 H6 O2'
UNX non-polymer 'UNKNOWN ATOM OR ION' ?
ZN non-polymer 'ZINC ION' 'Zn 2'
#
# COMPACT_ATOMS: atom_id res chain seq x y z
N GLY A 8 6.11 -17.20 5.13
CA GLY A 8 6.63 -16.47 3.95
C GLY A 8 5.60 -16.29 2.84
N ARG A 9 4.77 -17.31 2.62
CA ARG A 9 3.76 -17.29 1.55
C ARG A 9 2.53 -18.15 1.88
N PHE A 10 1.49 -18.06 1.06
CA PHE A 10 0.27 -18.84 1.28
C PHE A 10 0.45 -20.25 0.73
N ASP A 11 -0.47 -21.14 1.07
CA ASP A 11 -0.50 -22.48 0.46
C ASP A 11 -0.70 -22.33 -1.05
N THR A 12 -0.15 -23.30 -1.76
CA THR A 12 -0.13 -23.32 -3.21
C THR A 12 -1.54 -23.14 -3.81
N ALA A 13 -2.56 -23.66 -3.13
CA ALA A 13 -3.95 -23.61 -3.60
C ALA A 13 -4.42 -22.17 -3.76
N VAL A 14 -4.00 -21.31 -2.86
CA VAL A 14 -4.34 -19.88 -2.93
C VAL A 14 -3.84 -19.26 -4.24
N TYR A 15 -2.61 -19.59 -4.64
CA TYR A 15 -2.00 -19.09 -5.88
C TYR A 15 -2.60 -19.73 -7.13
N ALA A 16 -2.85 -21.05 -7.08
CA ALA A 16 -3.56 -21.71 -8.20
C ALA A 16 -4.85 -20.95 -8.50
N ARG A 17 -5.56 -20.54 -7.45
CA ARG A 17 -6.85 -19.86 -7.62
C ARG A 17 -6.68 -18.42 -8.12
N ARG A 18 -5.63 -17.75 -7.66
CA ARG A 18 -5.37 -16.40 -8.17
C ARG A 18 -4.96 -16.46 -9.65
N LEU A 19 -4.17 -17.47 -10.00
CA LEU A 19 -3.73 -17.60 -11.39
C LEU A 19 -4.91 -17.84 -12.34
N ALA A 20 -5.81 -18.75 -11.97
CA ALA A 20 -7.02 -19.02 -12.77
C ALA A 20 -7.86 -17.74 -12.86
N ALA A 21 -8.08 -17.05 -11.73
CA ALA A 21 -8.95 -15.86 -11.78
C ALA A 21 -8.33 -14.75 -12.66
N ALA A 22 -7.00 -14.63 -12.59
CA ALA A 22 -6.24 -13.65 -13.40
C ALA A 22 -6.31 -14.00 -14.90
N ALA A 23 -6.15 -15.28 -15.24
CA ALA A 23 -6.35 -15.74 -16.64
C ALA A 23 -7.73 -15.45 -17.18
N ALA A 24 -8.77 -15.70 -16.37
CA ALA A 24 -10.16 -15.50 -16.79
C ALA A 24 -10.47 -14.03 -17.09
N ALA A 25 -9.97 -13.15 -16.23
CA ALA A 25 -10.16 -11.70 -16.40
C ALA A 25 -9.38 -11.15 -17.59
N THR A 26 -8.20 -11.73 -17.86
CA THR A 26 -7.39 -11.42 -19.04
C THR A 26 -8.10 -11.80 -20.33
N GLU A 27 -8.71 -12.97 -20.35
CA GLU A 27 -9.52 -13.42 -21.45
C GLU A 27 -10.75 -12.51 -21.62
N GLN A 28 -11.38 -12.14 -20.50
CA GLN A 28 -12.57 -11.27 -20.54
C GLN A 28 -12.19 -9.88 -21.03
N ALA A 29 -10.93 -9.49 -20.86
CA ALA A 29 -10.46 -8.20 -21.37
C ALA A 29 -9.99 -8.32 -22.82
N GLY A 30 -10.09 -9.51 -23.40
CA GLY A 30 -9.68 -9.75 -24.80
C GLY A 30 -8.18 -9.75 -25.10
N LEU A 31 -7.35 -9.93 -24.07
CA LEU A 31 -5.90 -9.91 -24.25
C LEU A 31 -5.41 -11.34 -24.44
N ALA A 32 -4.27 -11.52 -25.10
CA ALA A 32 -3.66 -12.86 -25.21
C ALA A 32 -3.06 -13.33 -23.88
N GLY A 33 -2.70 -12.37 -23.03
CA GLY A 33 -2.07 -12.72 -21.77
C GLY A 33 -1.49 -11.58 -20.97
N LEU A 34 -1.00 -11.94 -19.77
CA LEU A 34 -0.32 -10.98 -18.89
C LEU A 34 1.15 -11.29 -18.81
N VAL A 35 1.96 -10.27 -18.58
CA VAL A 35 3.39 -10.47 -18.39
C VAL A 35 3.78 -9.77 -17.10
N ILE A 36 4.19 -10.57 -16.11
CA ILE A 36 4.47 -10.07 -14.77
C ILE A 36 5.96 -10.25 -14.48
N THR A 37 6.68 -9.14 -14.43
CA THR A 37 8.07 -9.12 -13.99
C THR A 37 8.08 -9.02 -12.45
N PRO A 38 9.26 -9.18 -11.80
CA PRO A 38 9.26 -9.21 -10.34
C PRO A 38 8.70 -7.94 -9.68
N GLY A 39 7.96 -8.14 -8.60
CA GLY A 39 7.45 -7.10 -7.73
C GLY A 39 6.19 -7.66 -7.08
N TYR A 40 5.27 -6.79 -6.70
CA TYR A 40 4.16 -7.17 -5.86
C TYR A 40 3.06 -7.99 -6.56
N ASP A 41 2.80 -7.71 -7.84
CA ASP A 41 1.92 -8.59 -8.63
C ASP A 41 2.47 -10.00 -8.74
N LEU A 42 3.78 -10.16 -8.86
CA LEU A 42 4.36 -11.49 -8.92
C LEU A 42 4.20 -12.22 -7.56
N ARG A 43 4.48 -11.50 -6.49
CA ARG A 43 4.34 -12.00 -5.13
C ARG A 43 2.91 -12.44 -4.86
N TYR A 44 1.96 -11.63 -5.30
CA TYR A 44 0.54 -11.92 -5.18
C TYR A 44 0.16 -13.15 -6.00
N LEU A 45 0.71 -13.25 -7.21
CA LEU A 45 0.26 -14.29 -8.14
C LEU A 45 0.86 -15.66 -7.89
N ILE A 46 2.14 -15.70 -7.51
CA ILE A 46 2.81 -17.00 -7.32
C ILE A 46 3.66 -17.00 -6.07
N GLY A 47 3.61 -15.94 -5.28
CA GLY A 47 4.36 -15.91 -4.03
C GLY A 47 5.86 -15.76 -4.19
N SER A 48 6.32 -15.35 -5.38
CA SER A 48 7.76 -15.18 -5.59
C SER A 48 8.28 -13.84 -5.09
N ARG A 49 9.33 -13.89 -4.29
CA ARG A 49 10.06 -12.68 -3.89
C ARG A 49 11.28 -12.48 -4.76
N ALA A 50 11.35 -13.19 -5.89
CA ALA A 50 12.48 -13.03 -6.81
C ALA A 50 12.57 -11.56 -7.18
N ASP A 51 13.79 -11.08 -7.36
CA ASP A 51 13.99 -9.93 -8.23
C ASP A 51 15.39 -10.06 -8.82
N THR A 52 15.39 -10.45 -10.08
CA THR A 52 16.48 -10.21 -10.97
C THR A 52 16.25 -8.74 -11.36
N PHE A 53 17.18 -8.10 -12.02
CA PHE A 53 16.88 -6.69 -12.27
C PHE A 53 16.96 -6.46 -13.76
N GLU A 54 18.17 -6.23 -14.26
CA GLU A 54 18.36 -6.06 -15.71
C GLU A 54 18.14 -7.36 -16.47
N ARG A 55 18.29 -8.50 -15.80
CA ARG A 55 17.93 -9.76 -16.42
C ARG A 55 16.46 -10.05 -16.21
N LEU A 56 15.80 -10.40 -17.31
CA LEU A 56 14.38 -10.59 -17.33
C LEU A 56 13.95 -11.88 -16.64
N THR A 57 13.14 -11.75 -15.59
CA THR A 57 12.31 -12.83 -15.07
C THR A 57 10.87 -12.42 -15.31
N ALA A 58 10.06 -13.30 -15.86
CA ALA A 58 8.65 -12.92 -16.06
C ALA A 58 7.74 -14.12 -15.98
N LEU A 59 6.60 -13.92 -15.36
CA LEU A 59 5.53 -14.89 -15.42
C LEU A 59 4.68 -14.50 -16.62
N VAL A 60 4.46 -15.46 -17.50
CA VAL A 60 3.67 -15.24 -18.69
C VAL A 60 2.39 -16.03 -18.48
N LEU A 61 1.27 -15.32 -18.33
CA LEU A 61 -0.01 -15.92 -17.97
C LEU A 61 -0.95 -15.75 -19.14
N PRO A 62 -1.07 -16.77 -20.00
CA PRO A 62 -1.94 -16.63 -21.17
C PRO A 62 -3.41 -16.61 -20.76
N ALA A 63 -4.25 -16.02 -21.59
CA ALA A 63 -5.68 -15.98 -21.32
C ALA A 63 -6.20 -17.41 -21.24
N SER A 64 -5.46 -18.32 -21.87
CA SER A 64 -5.84 -19.71 -22.00
C SER A 64 -4.60 -20.61 -22.18
N GLY A 65 -4.46 -21.63 -21.33
CA GLY A 65 -3.33 -22.55 -21.41
C GLY A 65 -2.36 -22.35 -20.24
N VAL A 66 -1.31 -23.17 -20.18
CA VAL A 66 -0.42 -23.24 -19.01
C VAL A 66 0.47 -21.98 -18.93
N PRO A 67 0.64 -21.43 -17.73
CA PRO A 67 1.56 -20.31 -17.68
C PRO A 67 3.02 -20.76 -17.87
N THR A 68 3.90 -19.81 -18.18
CA THR A 68 5.32 -20.06 -18.36
C THR A 68 6.07 -19.04 -17.53
N ILE A 69 7.18 -19.47 -16.93
CA ILE A 69 8.11 -18.54 -16.27
C ILE A 69 9.31 -18.43 -17.19
N VAL A 70 9.64 -17.22 -17.62
CA VAL A 70 10.89 -17.00 -18.35
C VAL A 70 11.92 -16.44 -17.35
N LEU A 71 13.07 -17.09 -17.24
CA LEU A 71 14.07 -16.59 -16.29
C LEU A 71 15.49 -17.02 -16.62
N PRO A 72 16.50 -16.34 -16.03
CA PRO A 72 17.90 -16.72 -16.28
C PRO A 72 18.17 -18.14 -15.79
N ARG A 73 18.91 -18.90 -16.56
CA ARG A 73 19.32 -20.24 -16.10
C ARG A 73 20.01 -20.18 -14.74
N LEU A 74 20.81 -19.14 -14.50
CA LEU A 74 21.54 -19.04 -13.23
C LEU A 74 20.62 -18.87 -12.01
N GLU A 75 19.35 -18.59 -12.27
CA GLU A 75 18.34 -18.39 -11.22
C GLU A 75 17.42 -19.58 -11.02
N LEU A 76 17.72 -20.70 -11.66
CA LEU A 76 16.82 -21.87 -11.63
C LEU A 76 16.35 -22.33 -10.26
N ALA A 77 17.22 -22.21 -9.25
CA ALA A 77 16.90 -22.70 -7.91
C ALA A 77 15.81 -21.89 -7.21
N SER A 78 15.59 -20.66 -7.66
CA SER A 78 14.51 -19.83 -7.10
C SER A 78 13.10 -20.44 -7.27
N LEU A 79 12.92 -21.35 -8.24
CA LEU A 79 11.60 -21.95 -8.52
C LEU A 79 11.01 -22.79 -7.37
N LYS A 80 11.90 -23.43 -6.62
CA LYS A 80 11.52 -24.21 -5.44
C LYS A 80 11.04 -23.29 -4.29
N GLU A 81 11.43 -22.02 -4.33
CA GLU A 81 11.08 -21.02 -3.30
C GLU A 81 9.61 -20.55 -3.33
N SER A 82 9.11 -20.25 -4.53
CA SER A 82 7.69 -19.89 -4.77
C SER A 82 6.81 -21.12 -5.13
N ALA A 83 5.57 -20.87 -5.52
CA ALA A 83 4.60 -21.93 -5.88
C ALA A 83 4.75 -22.47 -7.32
N ALA A 84 5.60 -21.82 -8.11
CA ALA A 84 5.79 -22.15 -9.52
C ALA A 84 6.10 -23.64 -9.77
N SER A 85 7.08 -24.16 -9.03
CA SER A 85 7.48 -25.56 -9.19
C SER A 85 6.33 -26.56 -8.86
N ASP A 86 5.60 -26.30 -7.78
CA ASP A 86 4.50 -27.16 -7.39
C ASP A 86 3.39 -27.20 -8.44
N LEU A 87 3.13 -26.07 -9.09
CA LEU A 87 2.05 -25.99 -10.07
C LEU A 87 2.47 -26.48 -11.48
N GLY A 88 3.71 -26.94 -11.60
CA GLY A 88 4.28 -27.33 -12.89
C GLY A 88 4.08 -26.30 -14.00
N VAL A 89 4.41 -25.03 -13.76
CA VAL A 89 4.36 -24.08 -14.85
C VAL A 89 5.50 -24.43 -15.81
N CYS A 90 5.35 -24.11 -17.10
CA CYS A 90 6.45 -24.35 -18.03
C CYS A 90 7.59 -23.40 -17.68
N VAL A 91 8.83 -23.87 -17.80
CA VAL A 91 10.03 -23.05 -17.54
C VAL A 91 10.81 -22.87 -18.85
N ARG A 92 11.17 -21.63 -19.18
CA ARG A 92 12.09 -21.36 -20.25
C ARG A 92 13.25 -20.58 -19.67
N ASP A 93 14.33 -21.27 -19.36
CA ASP A 93 15.50 -20.59 -18.83
C ASP A 93 16.34 -20.17 -20.04
N TRP A 94 17.10 -19.09 -19.90
CA TRP A 94 17.90 -18.54 -20.99
C TRP A 94 19.24 -18.15 -20.43
N VAL A 95 20.22 -17.98 -21.31
CA VAL A 95 21.59 -17.72 -20.90
C VAL A 95 22.01 -16.34 -21.37
N ASP A 96 22.95 -15.72 -20.66
CA ASP A 96 23.50 -14.43 -21.05
C ASP A 96 23.94 -14.49 -22.51
N GLY A 97 23.46 -13.56 -23.32
CA GLY A 97 23.69 -13.63 -24.77
C GLY A 97 22.38 -13.80 -25.51
N ASP A 98 21.37 -14.35 -24.82
CA ASP A 98 20.03 -14.60 -25.42
C ASP A 98 19.16 -13.38 -25.26
N ASP A 99 18.17 -13.27 -26.15
CA ASP A 99 17.15 -12.25 -26.07
C ASP A 99 15.91 -12.90 -25.44
N PRO A 100 15.73 -12.70 -24.12
CA PRO A 100 14.63 -13.37 -23.44
C PRO A 100 13.24 -12.83 -23.84
N TYR A 101 13.17 -11.62 -24.43
CA TYR A 101 11.89 -11.09 -24.92
C TYR A 101 11.27 -11.97 -25.99
N GLN A 102 12.09 -12.63 -26.79
CA GLN A 102 11.59 -13.56 -27.82
C GLN A 102 10.89 -14.80 -27.23
N LEU A 103 11.40 -15.25 -26.07
CA LEU A 103 10.79 -16.35 -25.31
C LEU A 103 9.39 -15.97 -24.78
N VAL A 104 9.26 -14.73 -24.31
CA VAL A 104 7.95 -14.22 -23.81
C VAL A 104 6.95 -14.22 -24.95
N ALA A 105 7.37 -13.78 -26.14
CA ALA A 105 6.48 -13.70 -27.31
C ALA A 105 5.95 -15.08 -27.71
N VAL A 106 6.88 -16.03 -27.78
CA VAL A 106 6.58 -17.39 -28.13
C VAL A 106 5.65 -18.04 -27.08
N ALA A 107 5.92 -17.83 -25.79
CA ALA A 107 5.04 -18.40 -24.76
C ALA A 107 3.60 -17.90 -24.88
N LEU A 108 3.41 -16.77 -25.55
CA LEU A 108 2.08 -16.25 -25.79
C LEU A 108 1.50 -16.67 -27.13
N GLY A 109 2.14 -17.62 -27.82
CA GLY A 109 1.72 -18.02 -29.15
C GLY A 109 2.46 -17.29 -30.28
N GLY A 110 3.39 -16.41 -29.94
CA GLY A 110 4.14 -15.67 -30.96
C GLY A 110 3.56 -14.31 -31.34
N ALA A 111 4.43 -13.39 -31.80
CA ALA A 111 3.94 -12.07 -32.26
C ALA A 111 3.05 -12.27 -33.51
N PRO A 112 2.02 -11.41 -33.70
CA PRO A 112 1.61 -10.32 -32.81
C PRO A 112 0.80 -10.81 -31.60
N ALA A 113 1.11 -10.30 -30.41
CA ALA A 113 0.34 -10.63 -29.18
C ALA A 113 -0.02 -9.38 -28.35
N ALA A 114 -1.32 -9.23 -28.07
CA ALA A 114 -1.82 -8.11 -27.29
C ALA A 114 -1.80 -8.53 -25.83
N THR A 115 -1.04 -7.81 -25.02
CA THR A 115 -0.94 -8.11 -23.59
C THR A 115 -1.15 -6.91 -22.69
N ALA A 116 -1.21 -7.22 -21.39
CA ALA A 116 -1.09 -6.24 -20.33
C ALA A 116 0.12 -6.59 -19.47
N VAL A 117 0.76 -5.58 -18.91
CA VAL A 117 1.94 -5.78 -18.06
C VAL A 117 1.73 -5.24 -16.66
N THR A 118 2.42 -5.83 -15.70
CA THR A 118 2.39 -5.32 -14.33
C THR A 118 2.83 -3.87 -14.36
N ASP A 119 2.16 -3.02 -13.58
CA ASP A 119 2.49 -1.61 -13.61
C ASP A 119 3.89 -1.26 -13.10
N SER A 120 4.54 -2.23 -12.47
CA SER A 120 5.88 -2.03 -11.97
C SER A 120 6.95 -2.37 -13.02
N MET A 121 6.56 -2.86 -14.19
CA MET A 121 7.60 -3.33 -15.14
C MET A 121 8.43 -2.13 -15.62
N PRO A 122 9.78 -2.23 -15.56
CA PRO A 122 10.54 -1.04 -15.92
C PRO A 122 10.64 -0.89 -17.42
N ALA A 123 10.85 0.34 -17.86
CA ALA A 123 11.02 0.64 -19.28
C ALA A 123 12.05 -0.28 -19.96
N LEU A 124 13.11 -0.59 -19.20
CA LEU A 124 14.20 -1.46 -19.63
C LEU A 124 13.69 -2.75 -20.28
N HIS A 125 12.68 -3.35 -19.66
CA HIS A 125 11.99 -4.51 -20.21
C HIS A 125 10.79 -4.19 -21.06
N LEU A 126 10.00 -3.19 -20.68
CA LEU A 126 8.74 -2.93 -21.40
C LEU A 126 8.94 -2.57 -22.87
N LEU A 127 9.86 -1.65 -23.14
CA LEU A 127 10.12 -1.18 -24.51
C LEU A 127 10.64 -2.28 -25.50
N PRO A 128 11.66 -3.06 -25.11
CA PRO A 128 11.96 -4.24 -25.95
C PRO A 128 10.85 -5.31 -25.97
N LEU A 129 10.12 -5.50 -24.87
CA LEU A 129 8.98 -6.42 -24.90
C LEU A 129 7.94 -6.01 -25.97
N ALA A 130 7.58 -4.73 -25.98
CA ALA A 130 6.67 -4.17 -26.98
C ALA A 130 7.03 -4.49 -28.42
N ASP A 131 8.32 -4.37 -28.76
CA ASP A 131 8.83 -4.74 -30.09
C ASP A 131 8.71 -6.25 -30.35
N ALA A 132 9.14 -7.06 -29.38
CA ALA A 132 9.04 -8.52 -29.49
C ALA A 132 7.58 -8.99 -29.65
N LEU A 133 6.64 -8.30 -29.01
CA LEU A 133 5.24 -8.72 -29.02
C LEU A 133 4.47 -8.25 -30.25
N GLY A 134 4.96 -7.17 -30.88
CA GLY A 134 4.33 -6.62 -32.10
C GLY A 134 3.16 -5.71 -31.77
N VAL A 135 2.87 -5.59 -30.47
CA VAL A 135 1.72 -4.83 -29.98
C VAL A 135 2.09 -4.12 -28.67
N LEU A 136 1.76 -2.84 -28.56
CA LEU A 136 2.03 -2.12 -27.33
C LEU A 136 1.18 -2.70 -26.21
N PRO A 137 1.82 -3.13 -25.11
CA PRO A 137 1.05 -3.60 -23.97
C PRO A 137 0.25 -2.48 -23.35
N VAL A 138 -0.83 -2.85 -22.65
CA VAL A 138 -1.58 -1.91 -21.82
C VAL A 138 -1.28 -2.27 -20.36
N LEU A 139 -1.66 -1.42 -19.42
CA LEU A 139 -1.43 -1.72 -18.02
C LEU A 139 -2.35 -2.87 -17.57
N ALA A 140 -1.79 -3.75 -16.75
CA ALA A 140 -2.55 -4.88 -16.17
C ALA A 140 -3.43 -4.45 -15.00
N THR A 141 -3.35 -3.18 -14.60
CA THR A 141 -3.97 -2.72 -13.36
C THR A 141 -5.49 -2.93 -13.33
N ASP A 142 -6.15 -2.65 -14.46
CA ASP A 142 -7.58 -2.89 -14.59
C ASP A 142 -7.94 -4.39 -14.45
N VAL A 143 -7.10 -5.30 -14.99
CA VAL A 143 -7.29 -6.75 -14.78
C VAL A 143 -7.00 -7.24 -13.35
N LEU A 144 -5.80 -6.96 -12.86
CA LEU A 144 -5.32 -7.50 -11.57
C LEU A 144 -5.93 -6.82 -10.36
N ARG A 145 -6.29 -5.55 -10.53
CA ARG A 145 -7.14 -4.79 -9.60
C ARG A 145 -8.31 -5.61 -9.05
N GLN A 146 -9.08 -6.23 -9.96
CA GLN A 146 -10.31 -6.94 -9.59
C GLN A 146 -9.99 -8.02 -8.57
N LEU A 147 -8.74 -8.50 -8.61
CA LEU A 147 -8.29 -9.52 -7.69
C LEU A 147 -7.73 -8.88 -6.44
N ARG A 148 -6.65 -8.11 -6.62
CA ARG A 148 -5.79 -7.67 -5.54
C ARG A 148 -6.38 -6.60 -4.60
N MET A 149 -7.27 -5.76 -5.13
CA MET A 149 -7.89 -4.75 -4.26
C MET A 149 -9.04 -5.29 -3.43
N VAL A 150 -9.51 -6.51 -3.75
CA VAL A 150 -10.55 -7.18 -2.98
C VAL A 150 -9.83 -8.23 -2.13
N LYS A 151 -9.66 -7.95 -0.84
CA LYS A 151 -8.83 -8.79 0.01
C LYS A 151 -9.60 -10.03 0.38
N GLU A 152 -8.91 -11.19 0.36
CA GLU A 152 -9.48 -12.46 0.80
C GLU A 152 -9.44 -12.47 2.31
N ALA A 153 -10.23 -13.34 2.92
CA ALA A 153 -10.32 -13.46 4.38
C ALA A 153 -8.94 -13.50 5.07
N ALA A 154 -8.04 -14.35 4.58
CA ALA A 154 -6.68 -14.42 5.15
C ALA A 154 -5.87 -13.11 5.00
N GLU A 155 -6.19 -12.30 4.01
CA GLU A 155 -5.45 -11.03 3.83
C GLU A 155 -6.00 -9.96 4.78
N VAL A 156 -7.33 -9.89 4.90
CA VAL A 156 -7.95 -9.06 5.91
C VAL A 156 -7.38 -9.39 7.29
N ASP A 157 -7.33 -10.67 7.61
CA ASP A 157 -6.76 -11.11 8.90
C ASP A 157 -5.35 -10.55 9.16
N ALA A 158 -4.47 -10.62 8.15
CA ALA A 158 -3.10 -10.16 8.28
C ALA A 158 -3.03 -8.64 8.47
N LEU A 159 -3.89 -7.91 7.76
CA LEU A 159 -3.96 -6.47 7.92
C LEU A 159 -4.50 -6.08 9.31
N ALA A 160 -5.44 -6.88 9.82
CA ALA A 160 -6.04 -6.65 11.13
C ALA A 160 -5.03 -6.87 12.26
N LYS A 161 -4.23 -7.91 12.14
CA LYS A 161 -3.19 -8.20 13.12
C LYS A 161 -2.07 -7.14 13.03
N ALA A 162 -1.70 -6.71 11.80
CA ALA A 162 -0.73 -5.61 11.65
C ALA A 162 -1.29 -4.30 12.26
N GLY A 163 -2.57 -4.03 12.06
CA GLY A 163 -3.22 -2.84 12.59
C GLY A 163 -3.21 -2.84 14.12
N ALA A 164 -3.57 -3.98 14.73
CA ALA A 164 -3.56 -4.08 16.20
C ALA A 164 -2.14 -3.91 16.74
N ALA A 165 -1.16 -4.49 16.04
CA ALA A 165 0.25 -4.36 16.43
C ALA A 165 0.74 -2.89 16.39
N ILE A 166 0.42 -2.16 15.31
CA ILE A 166 0.80 -0.73 15.17
C ILE A 166 0.07 0.15 16.18
N ASP A 167 -1.17 -0.18 16.51
CA ASP A 167 -1.86 0.44 17.64
C ASP A 167 -1.10 0.31 18.96
N ARG A 168 -0.55 -0.88 19.21
CA ARG A 168 0.26 -1.13 20.41
C ARG A 168 1.54 -0.26 20.43
N VAL A 169 2.08 0.01 19.24
CA VAL A 169 3.19 0.94 19.10
C VAL A 169 2.79 2.38 19.44
N HIS A 170 1.69 2.84 18.87
CA HIS A 170 1.16 4.18 19.22
C HIS A 170 0.92 4.39 20.69
N ALA A 171 0.47 3.34 21.41
CA ALA A 171 0.35 3.34 22.88
C ALA A 171 1.68 3.55 23.60
N ARG A 172 2.77 3.15 22.95
CA ARG A 172 4.09 3.32 23.53
C ARG A 172 4.75 4.66 23.19
N VAL A 173 4.14 5.39 22.27
CA VAL A 173 4.72 6.64 21.76
C VAL A 173 4.72 7.81 22.77
N PRO A 174 3.62 8.01 23.52
CA PRO A 174 3.69 9.13 24.46
C PRO A 174 4.91 9.15 25.39
N ALA A 175 5.32 7.99 25.94
CA ALA A 175 6.49 7.95 26.81
C ALA A 175 7.81 8.25 26.06
N PHE A 176 7.81 8.11 24.74
CA PHE A 176 9.00 8.50 23.95
C PHE A 176 9.08 10.02 23.77
N LEU A 177 7.95 10.71 23.91
CA LEU A 177 7.86 12.14 23.55
C LEU A 177 8.19 13.07 24.70
N VAL A 178 9.49 13.28 24.92
CA VAL A 178 10.03 14.02 26.06
C VAL A 178 10.82 15.21 25.50
N PRO A 179 10.55 16.45 25.97
CA PRO A 179 11.32 17.59 25.47
C PRO A 179 12.83 17.33 25.56
N GLY A 180 13.60 17.76 24.54
CA GLY A 180 15.05 17.52 24.52
C GLY A 180 15.50 16.34 23.66
N ARG A 181 14.71 15.26 23.65
CA ARG A 181 14.95 14.11 22.76
C ARG A 181 14.77 14.54 21.31
N THR A 182 15.60 14.03 20.41
CA THR A 182 15.46 14.37 18.98
C THR A 182 14.40 13.49 18.31
N GLU A 183 13.85 13.94 17.18
CA GLU A 183 12.94 13.11 16.37
C GLU A 183 13.53 11.74 16.04
N ALA A 184 14.84 11.70 15.76
CA ALA A 184 15.55 10.46 15.40
C ALA A 184 15.67 9.46 16.58
N GLN A 185 15.89 9.95 17.79
CA GLN A 185 15.84 9.08 18.98
C GLN A 185 14.43 8.49 19.26
N VAL A 186 13.39 9.30 19.04
CA VAL A 186 12.00 8.83 19.07
C VAL A 186 11.81 7.76 17.99
N ALA A 187 12.40 7.99 16.81
CA ALA A 187 12.16 7.09 15.68
C ALA A 187 12.82 5.72 15.87
N ALA A 188 14.01 5.71 16.49
CA ALA A 188 14.71 4.47 16.90
C ALA A 188 13.88 3.71 17.95
N ASP A 189 13.31 4.43 18.91
CA ASP A 189 12.43 3.81 19.91
C ASP A 189 11.19 3.18 19.26
N ILE A 190 10.60 3.90 18.32
CA ILE A 190 9.48 3.39 17.57
C ILE A 190 9.84 2.18 16.69
N ALA A 191 10.97 2.25 15.98
CA ALA A 191 11.40 1.17 15.09
C ALA A 191 11.54 -0.14 15.86
N GLU A 192 12.24 -0.08 16.99
CA GLU A 192 12.35 -1.20 17.93
C GLU A 192 10.98 -1.71 18.44
N ALA A 193 10.11 -0.81 18.83
CA ALA A 193 8.77 -1.24 19.25
C ALA A 193 7.97 -1.89 18.09
N ILE A 194 8.13 -1.41 16.86
CA ILE A 194 7.45 -2.02 15.70
C ILE A 194 7.74 -3.50 15.59
N VAL A 195 9.02 -3.85 15.69
CA VAL A 195 9.44 -5.23 15.70
C VAL A 195 8.94 -5.94 16.96
N ALA A 196 9.23 -5.39 18.15
CA ALA A 196 8.80 -6.03 19.40
C ALA A 196 7.29 -6.39 19.41
N GLU A 197 6.44 -5.50 18.92
CA GLU A 197 4.99 -5.75 18.89
C GLU A 197 4.50 -6.77 17.83
N GLY A 198 5.41 -7.34 17.05
CA GLY A 198 5.04 -8.51 16.22
C GLY A 198 5.24 -8.41 14.72
N HIS A 199 5.51 -7.21 14.21
CA HIS A 199 5.83 -7.06 12.79
C HIS A 199 7.15 -7.71 12.51
N SER A 200 7.30 -8.35 11.37
CA SER A 200 8.57 -8.97 11.02
C SER A 200 9.60 -7.97 10.49
N ALA A 201 9.17 -6.71 10.30
CA ALA A 201 10.02 -5.62 9.82
C ALA A 201 9.31 -4.26 9.87
N VAL A 202 10.13 -3.22 10.02
CA VAL A 202 9.74 -1.81 10.04
C VAL A 202 9.48 -1.37 8.59
N ALA A 203 8.39 -0.66 8.33
CA ALA A 203 8.16 -0.21 6.97
C ALA A 203 8.64 1.22 6.87
N PHE A 204 8.21 2.04 7.83
CA PHE A 204 8.55 3.46 7.79
C PHE A 204 8.21 4.06 9.14
N VAL A 205 8.98 5.09 9.51
CA VAL A 205 8.76 5.83 10.74
C VAL A 205 8.83 7.31 10.39
N ILE A 206 7.74 8.03 10.63
CA ILE A 206 7.72 9.48 10.43
C ILE A 206 7.42 10.12 11.79
N VAL A 207 8.29 11.03 12.22
CA VAL A 207 8.09 11.79 13.45
C VAL A 207 8.33 13.25 13.09
N GLY A 208 7.24 13.99 12.87
CA GLY A 208 7.31 15.35 12.37
C GLY A 208 6.90 16.28 13.50
N SER A 209 7.87 16.90 14.15
CA SER A 209 7.59 17.76 15.30
C SER A 209 7.69 19.23 14.95
N GLY A 210 6.83 20.04 15.58
CA GLY A 210 6.85 21.50 15.36
C GLY A 210 6.65 21.79 13.89
N PRO A 211 7.50 22.66 13.33
CA PRO A 211 7.42 22.98 11.89
C PRO A 211 7.46 21.77 10.96
N HIS A 212 8.15 20.69 11.35
CA HIS A 212 8.28 19.51 10.46
C HIS A 212 7.01 18.75 10.25
N GLY A 213 6.06 18.96 11.16
CA GLY A 213 4.75 18.33 11.07
C GLY A 213 3.94 18.85 9.89
N ALA A 214 4.28 20.07 9.46
CA ALA A 214 3.69 20.72 8.28
C ALA A 214 4.28 20.19 6.96
N ASP A 215 5.31 19.36 7.04
CA ASP A 215 6.08 18.94 5.86
C ASP A 215 5.86 17.45 5.56
N PRO A 216 4.95 17.14 4.61
CA PRO A 216 4.61 15.74 4.29
C PRO A 216 5.78 14.88 3.77
N HIS A 217 6.82 15.50 3.20
CA HIS A 217 8.03 14.77 2.74
C HIS A 217 8.96 14.38 3.88
N HIS A 218 8.77 14.99 5.05
CA HIS A 218 9.64 14.77 6.21
C HIS A 218 9.57 13.36 6.76
N GLY A 219 10.73 12.78 7.14
CA GLY A 219 10.81 11.49 7.84
C GLY A 219 11.12 11.75 9.31
N TYR A 220 12.40 11.87 9.64
CA TYR A 220 12.85 12.35 10.95
C TYR A 220 14.25 12.98 10.83
N SER A 221 14.63 13.76 11.85
CA SER A 221 15.88 14.49 11.83
C SER A 221 16.45 14.65 13.25
N ASP A 222 17.42 15.55 13.39
CA ASP A 222 17.99 15.85 14.71
C ASP A 222 17.28 16.98 15.49
N ARG A 223 16.12 17.44 15.01
CA ARG A 223 15.35 18.44 15.77
C ARG A 223 14.91 17.88 17.11
N LYS A 224 15.15 18.65 18.15
CA LYS A 224 14.73 18.28 19.49
C LYS A 224 13.29 18.71 19.73
N LEU A 225 12.53 17.82 20.36
CA LEU A 225 11.17 18.12 20.81
C LEU A 225 11.21 19.29 21.80
N GLN A 226 10.29 20.22 21.61
CA GLN A 226 10.10 21.37 22.48
C GLN A 226 8.71 21.33 23.10
N VAL A 227 8.57 21.89 24.30
CA VAL A 227 7.24 22.14 24.86
C VAL A 227 6.40 22.97 23.86
N GLY A 228 5.17 22.55 23.60
CA GLY A 228 4.34 23.27 22.63
C GLY A 228 4.35 22.65 21.24
N ASP A 229 5.31 21.75 20.96
CA ASP A 229 5.32 21.05 19.68
C ASP A 229 4.06 20.21 19.46
N ILE A 230 3.49 20.34 18.27
CA ILE A 230 2.61 19.30 17.75
C ILE A 230 3.49 18.31 16.97
N VAL A 231 3.30 17.02 17.24
CA VAL A 231 4.14 15.94 16.69
C VAL A 231 3.26 14.99 15.87
N VAL A 232 3.52 14.92 14.57
CA VAL A 232 2.81 13.97 13.71
C VAL A 232 3.58 12.65 13.68
N VAL A 233 2.91 11.52 13.99
CA VAL A 233 3.59 10.20 14.06
C VAL A 233 2.86 9.21 13.12
N ASP A 234 3.56 8.86 12.06
CA ASP A 234 3.02 8.05 10.96
C ASP A 234 3.96 6.87 10.83
N ILE A 235 3.45 5.67 11.09
CA ILE A 235 4.32 4.52 11.27
C ILE A 235 3.63 3.28 10.73
N GLY A 236 4.46 2.33 10.27
CA GLY A 236 3.94 1.04 9.84
C GLY A 236 5.03 -0.02 9.83
N GLY A 237 4.57 -1.28 9.77
CA GLY A 237 5.44 -2.43 9.57
C GLY A 237 4.77 -3.45 8.67
N THR A 238 5.47 -4.53 8.36
CA THR A 238 4.85 -5.64 7.66
C THR A 238 4.53 -6.75 8.64
N TYR A 239 3.44 -7.46 8.36
CA TYR A 239 3.07 -8.66 9.09
C TYR A 239 3.05 -9.85 8.12
N GLU A 240 3.62 -10.97 8.54
CA GLU A 240 3.71 -12.15 7.68
C GLU A 240 2.32 -12.54 7.08
N PRO A 241 2.25 -12.87 5.78
CA PRO A 241 3.33 -13.04 4.79
C PRO A 241 3.68 -11.78 3.97
N GLY A 242 3.35 -10.60 4.48
CA GLY A 242 3.84 -9.34 3.91
C GLY A 242 2.81 -8.22 3.79
N TYR A 243 1.91 -8.11 4.76
CA TYR A 243 0.86 -7.10 4.69
C TYR A 243 1.19 -5.92 5.61
N TYR A 244 0.77 -4.74 5.22
CA TYR A 244 1.23 -3.53 5.89
C TYR A 244 0.26 -3.01 6.91
N SER A 245 0.82 -2.43 7.98
CA SER A 245 0.11 -1.52 8.86
C SER A 245 0.55 -0.10 8.44
N ASP A 246 -0.27 0.90 8.78
CA ASP A 246 -0.04 2.28 8.39
C ASP A 246 -1.04 3.14 9.14
N SER A 247 -0.59 3.72 10.24
CA SER A 247 -1.44 4.57 11.07
C SER A 247 -0.77 5.86 11.59
N THR A 248 -1.48 6.99 11.50
CA THR A 248 -0.94 8.27 11.98
C THR A 248 -1.80 8.76 13.13
N ARG A 249 -1.16 9.27 14.18
CA ARG A 249 -1.84 9.96 15.26
C ARG A 249 -1.01 11.18 15.55
N THR A 250 -1.65 12.25 16.03
CA THR A 250 -0.98 13.51 16.35
C THR A 250 -0.97 13.74 17.87
N TYR A 251 0.16 14.23 18.38
CA TYR A 251 0.34 14.40 19.81
C TYR A 251 0.72 15.83 20.02
N SER A 252 0.37 16.33 21.19
CA SER A 252 0.82 17.65 21.64
C SER A 252 1.68 17.51 22.90
N ILE A 253 2.81 18.22 22.94
CA ILE A 253 3.67 18.24 24.14
C ILE A 253 3.17 19.35 25.03
N GLY A 254 2.41 18.97 26.07
CA GLY A 254 1.66 19.92 26.90
C GLY A 254 0.42 20.41 26.18
N ASP A 255 -0.45 21.10 26.91
CA ASP A 255 -1.71 21.59 26.33
C ASP A 255 -1.47 22.39 25.05
N PRO A 256 -2.28 22.13 24.02
CA PRO A 256 -2.16 22.96 22.82
C PRO A 256 -2.82 24.31 23.07
N SER A 257 -2.77 25.22 22.10
CA SER A 257 -3.47 26.49 22.25
C SER A 257 -4.91 26.29 21.77
N PRO A 258 -5.83 27.20 22.14
CA PRO A 258 -7.22 27.07 21.71
C PRO A 258 -7.40 27.00 20.19
N ASP A 259 -6.59 27.73 19.42
CA ASP A 259 -6.76 27.70 17.96
C ASP A 259 -6.38 26.37 17.36
N VAL A 260 -5.28 25.82 17.84
CA VAL A 260 -4.82 24.50 17.44
C VAL A 260 -5.87 23.43 17.79
N ALA A 261 -6.40 23.50 19.02
CA ALA A 261 -7.41 22.52 19.45
C ALA A 261 -8.64 22.54 18.53
N GLN A 262 -9.11 23.74 18.20
CA GLN A 262 -10.33 23.90 17.40
C GLN A 262 -10.19 23.41 15.96
N GLN A 263 -9.06 23.73 15.35
CA GLN A 263 -8.79 23.30 13.99
C GLN A 263 -8.55 21.81 13.94
N TYR A 264 -7.91 21.26 14.98
CA TYR A 264 -7.66 19.83 15.04
C TYR A 264 -9.00 19.10 15.10
N SER A 265 -9.94 19.64 15.86
CA SER A 265 -11.22 18.92 15.99
C SER A 265 -12.08 18.95 14.73
N ALA A 266 -11.84 19.94 13.86
CA ALA A 266 -12.42 19.94 12.52
C ALA A 266 -11.79 18.79 11.69
N LEU A 267 -10.47 18.60 11.84
CA LEU A 267 -9.81 17.49 11.18
C LEU A 267 -10.40 16.16 11.68
N GLN A 268 -10.54 16.01 13.00
CA GLN A 268 -11.14 14.80 13.56
C GLN A 268 -12.53 14.53 12.97
N ARG A 269 -13.34 15.58 12.80
CA ARG A 269 -14.71 15.39 12.25
C ARG A 269 -14.64 14.99 10.79
N ALA A 270 -13.66 15.54 10.08
CA ALA A 270 -13.47 15.27 8.68
C ALA A 270 -13.10 13.83 8.51
N GLN A 271 -12.25 13.32 9.40
CA GLN A 271 -11.74 11.95 9.27
C GLN A 271 -12.86 10.97 9.56
N ARG A 272 -13.59 11.24 10.64
CA ARG A 272 -14.75 10.46 11.06
C ARG A 272 -15.81 10.42 9.96
N ALA A 273 -16.12 11.57 9.38
CA ALA A 273 -17.10 11.62 8.29
C ALA A 273 -16.65 10.83 7.04
N ALA A 274 -15.36 10.82 6.70
CA ALA A 274 -14.92 9.95 5.59
C ALA A 274 -15.08 8.46 5.96
N VAL A 275 -14.67 8.07 7.18
CA VAL A 275 -14.93 6.71 7.70
C VAL A 275 -16.44 6.34 7.68
N ASP A 276 -17.32 7.23 8.16
CA ASP A 276 -18.78 6.97 8.14
C ASP A 276 -19.39 6.84 6.74
N ALA A 277 -18.72 7.35 5.72
CA ALA A 277 -19.24 7.31 4.34
C ALA A 277 -18.85 6.02 3.64
N VAL A 278 -17.93 5.26 4.23
CA VAL A 278 -17.48 4.01 3.60
C VAL A 278 -18.56 2.91 3.65
N ARG A 279 -19.03 2.52 2.46
CA ARG A 279 -20.05 1.48 2.24
C ARG A 279 -19.86 0.90 0.86
N PRO A 280 -20.30 -0.35 0.62
CA PRO A 280 -20.34 -0.79 -0.77
C PRO A 280 -21.22 0.15 -1.61
N GLY A 281 -20.77 0.53 -2.80
CA GLY A 281 -21.59 1.34 -3.70
C GLY A 281 -21.23 2.81 -3.75
N VAL A 282 -20.70 3.37 -2.67
CA VAL A 282 -20.21 4.74 -2.73
C VAL A 282 -18.89 4.78 -3.50
N THR A 283 -18.60 5.92 -4.11
CA THR A 283 -17.42 6.05 -4.94
C THR A 283 -16.23 6.48 -4.10
N ALA A 284 -15.04 6.19 -4.61
CA ALA A 284 -13.83 6.63 -3.95
C ALA A 284 -13.88 8.16 -3.82
N ALA A 285 -14.35 8.84 -4.87
CA ALA A 285 -14.39 10.32 -4.88
C ALA A 285 -15.38 10.90 -3.85
N GLN A 286 -16.48 10.19 -3.60
CA GLN A 286 -17.45 10.56 -2.56
C GLN A 286 -16.85 10.43 -1.16
N VAL A 287 -16.02 9.42 -0.96
CA VAL A 287 -15.33 9.29 0.33
C VAL A 287 -14.31 10.43 0.55
N ASP A 288 -13.56 10.78 -0.48
CA ASP A 288 -12.67 11.94 -0.37
C ASP A 288 -13.48 13.21 -0.13
N ALA A 289 -14.61 13.34 -0.82
CA ALA A 289 -15.49 14.50 -0.65
C ALA A 289 -15.98 14.65 0.80
N ALA A 290 -16.27 13.52 1.45
CA ALA A 290 -16.76 13.55 2.84
C ALA A 290 -15.77 14.20 3.80
N ALA A 291 -14.49 13.87 3.69
CA ALA A 291 -13.47 14.54 4.49
C ALA A 291 -13.28 16.00 4.03
N ARG A 292 -13.09 16.19 2.72
CA ARG A 292 -12.76 17.51 2.16
C ARG A 292 -13.86 18.57 2.40
N ASP A 293 -15.13 18.18 2.32
CA ASP A 293 -16.28 19.06 2.61
C ASP A 293 -16.34 19.62 4.03
N VAL A 294 -16.09 18.78 5.03
CA VAL A 294 -16.03 19.22 6.44
C VAL A 294 -14.88 20.22 6.65
N LEU A 295 -13.73 19.91 6.08
CA LEU A 295 -12.59 20.84 6.18
C LEU A 295 -12.82 22.14 5.40
N ALA A 296 -13.56 22.04 4.29
CA ALA A 296 -13.99 23.23 3.55
C ALA A 296 -14.84 24.11 4.46
N ASP A 297 -15.81 23.49 5.11
CA ASP A 297 -16.79 24.21 5.94
C ASP A 297 -16.17 24.91 7.14
N ALA A 298 -15.07 24.35 7.65
CA ALA A 298 -14.37 24.98 8.77
C ALA A 298 -13.39 26.05 8.27
N GLY A 299 -13.33 26.23 6.95
CA GLY A 299 -12.41 27.15 6.29
C GLY A 299 -10.98 26.66 6.15
N LEU A 300 -10.77 25.35 6.03
CA LEU A 300 -9.42 24.77 6.11
C LEU A 300 -8.95 23.98 4.88
N ALA A 301 -9.79 23.88 3.84
CA ALA A 301 -9.54 23.01 2.68
C ALA A 301 -8.21 23.26 1.95
N GLU A 302 -7.79 24.52 1.91
CA GLU A 302 -6.52 24.88 1.29
C GLU A 302 -5.30 24.30 2.02
N TYR A 303 -5.48 23.89 3.27
CA TYR A 303 -4.40 23.26 4.03
C TYR A 303 -4.45 21.73 3.96
N PHE A 304 -5.45 21.20 3.27
CA PHE A 304 -5.59 19.76 3.07
C PHE A 304 -4.98 19.42 1.70
N VAL A 305 -3.66 19.19 1.68
CA VAL A 305 -2.89 19.26 0.43
C VAL A 305 -2.67 17.93 -0.28
N HIS A 306 -3.43 16.90 0.09
CA HIS A 306 -3.32 15.59 -0.54
C HIS A 306 -4.63 14.84 -0.54
N ARG A 307 -4.65 13.72 -1.25
CA ARG A 307 -5.75 12.79 -1.27
C ARG A 307 -6.09 12.26 0.15
N THR A 308 -7.31 11.75 0.29
CA THR A 308 -7.80 11.28 1.57
C THR A 308 -7.20 9.93 1.95
N GLY A 309 -6.83 9.12 0.95
CA GLY A 309 -6.26 7.79 1.26
C GLY A 309 -5.79 6.96 0.09
N HIS A 310 -5.14 5.83 0.40
CA HIS A 310 -4.59 4.95 -0.61
C HIS A 310 -4.89 3.52 -0.22
N GLY A 311 -4.96 2.63 -1.20
CA GLY A 311 -5.13 1.22 -0.91
C GLY A 311 -3.89 0.70 -0.20
N ILE A 312 -4.05 -0.43 0.47
CA ILE A 312 -2.93 -1.01 1.17
C ILE A 312 -3.13 -2.53 1.08
N GLY A 313 -2.02 -3.26 1.09
CA GLY A 313 -2.06 -4.70 1.11
C GLY A 313 -0.64 -5.20 1.16
N LEU A 314 -0.20 -5.87 0.10
CA LEU A 314 1.19 -6.32 0.03
C LEU A 314 2.17 -5.15 -0.16
N CYS A 315 1.63 -3.98 -0.52
CA CYS A 315 2.39 -2.72 -0.63
C CYS A 315 1.72 -1.66 0.25
N VAL A 316 2.48 -0.69 0.72
CA VAL A 316 1.90 0.39 1.55
C VAL A 316 0.91 1.22 0.69
N HIS A 317 1.18 1.34 -0.61
CA HIS A 317 0.39 2.17 -1.52
C HIS A 317 -0.08 1.37 -2.69
N GLU A 318 -1.39 1.18 -2.81
CA GLU A 318 -1.93 0.42 -3.95
C GLU A 318 -3.39 0.77 -4.17
N GLU A 319 -4.05 0.14 -5.14
CA GLU A 319 -5.45 0.36 -5.44
C GLU A 319 -6.36 -0.07 -4.30
N PRO A 320 -7.48 0.67 -4.08
CA PRO A 320 -7.94 1.90 -4.76
C PRO A 320 -7.44 3.17 -4.10
N TYR A 321 -7.42 4.24 -4.89
CA TYR A 321 -7.05 5.54 -4.39
C TYR A 321 -8.28 6.36 -4.05
N ILE A 322 -8.29 6.87 -2.82
CA ILE A 322 -9.41 7.64 -2.30
C ILE A 322 -9.06 9.07 -2.59
N VAL A 323 -9.44 9.53 -3.79
CA VAL A 323 -9.03 10.85 -4.36
C VAL A 323 -10.14 11.40 -5.25
N ALA A 324 -10.20 12.74 -5.32
CA ALA A 324 -11.03 13.48 -6.27
C ALA A 324 -10.84 12.96 -7.68
N GLY A 325 -11.97 12.77 -8.36
CA GLY A 325 -11.97 12.23 -9.70
C GLY A 325 -11.97 10.72 -9.79
N ASN A 326 -11.86 10.00 -8.67
CA ASN A 326 -11.95 8.53 -8.81
C ASN A 326 -13.39 8.02 -8.66
N GLU A 327 -13.98 7.55 -9.77
CA GLU A 327 -15.40 7.14 -9.78
C GLU A 327 -15.64 5.68 -9.39
N LEU A 328 -14.58 4.94 -9.14
CA LEU A 328 -14.66 3.54 -8.72
C LEU A 328 -15.64 3.36 -7.55
N PRO A 329 -16.72 2.56 -7.75
CA PRO A 329 -17.58 2.19 -6.64
C PRO A 329 -16.82 1.25 -5.71
N LEU A 330 -16.99 1.44 -4.41
CA LEU A 330 -16.30 0.57 -3.48
C LEU A 330 -17.07 -0.75 -3.31
N VAL A 331 -16.31 -1.81 -3.07
CA VAL A 331 -16.91 -3.12 -2.83
C VAL A 331 -16.32 -3.70 -1.57
N ALA A 332 -17.00 -4.69 -0.99
CA ALA A 332 -16.58 -5.35 0.23
C ALA A 332 -15.19 -5.96 0.07
N GLY A 333 -14.37 -5.90 1.11
CA GLY A 333 -13.02 -6.46 1.05
C GLY A 333 -11.94 -5.49 0.51
N MET A 334 -12.33 -4.32 0.01
CA MET A 334 -11.32 -3.28 -0.30
C MET A 334 -10.70 -2.74 0.99
N ALA A 335 -9.40 -2.46 0.93
CA ALA A 335 -8.65 -1.96 2.07
C ALA A 335 -7.85 -0.71 1.68
N PHE A 336 -8.04 0.37 2.43
CA PHE A 336 -7.36 1.62 2.14
C PHE A 336 -7.31 2.46 3.41
N SER A 337 -6.46 3.47 3.38
CA SER A 337 -6.34 4.43 4.45
C SER A 337 -7.39 5.53 4.32
N ILE A 338 -7.78 6.11 5.46
CA ILE A 338 -8.49 7.36 5.50
C ILE A 338 -7.58 8.25 6.35
N GLU A 339 -7.03 9.30 5.75
CA GLU A 339 -5.96 10.07 6.37
C GLU A 339 -5.92 11.55 5.98
N PRO A 340 -7.02 12.27 6.22
CA PRO A 340 -6.94 13.68 5.98
C PRO A 340 -5.95 14.34 6.93
N GLY A 341 -5.43 15.49 6.51
CA GLY A 341 -4.51 16.23 7.35
C GLY A 341 -4.60 17.67 6.96
N ILE A 342 -4.14 18.54 7.87
CA ILE A 342 -4.05 19.97 7.60
C ILE A 342 -2.63 20.40 7.91
N TYR A 343 -2.07 21.25 7.06
CA TYR A 343 -0.65 21.61 7.15
C TYR A 343 -0.44 23.12 7.09
N PHE A 344 0.26 23.65 8.09
CA PHE A 344 0.52 25.06 8.20
C PHE A 344 2.03 25.33 8.10
N PRO A 345 2.52 25.57 6.87
CA PRO A 345 3.96 25.71 6.62
C PRO A 345 4.63 26.57 7.66
N GLY A 346 5.71 26.07 8.24
CA GLY A 346 6.51 26.82 9.22
C GLY A 346 6.00 26.71 10.65
N ARG A 347 4.79 26.18 10.83
CA ARG A 347 4.15 26.24 12.15
C ARG A 347 3.84 24.85 12.71
N TRP A 348 2.85 24.17 12.13
CA TRP A 348 2.47 22.82 12.57
C TRP A 348 1.64 22.12 11.54
N GLY A 349 1.42 20.83 11.79
CA GLY A 349 0.57 20.00 10.94
C GLY A 349 -0.09 18.93 11.79
N ALA A 350 -1.13 18.31 11.23
CA ALA A 350 -1.78 17.20 11.90
C ALA A 350 -2.42 16.27 10.88
N ARG A 351 -2.42 14.97 11.19
CA ARG A 351 -3.01 13.99 10.31
C ARG A 351 -3.59 12.86 11.18
N ILE A 352 -4.77 12.40 10.81
CA ILE A 352 -5.40 11.29 11.52
C ILE A 352 -5.59 10.15 10.52
N GLU A 353 -4.93 9.02 10.72
CA GLU A 353 -4.95 7.98 9.70
C GLU A 353 -5.32 6.60 10.23
N ASP A 354 -6.38 6.04 9.67
CA ASP A 354 -6.75 4.66 9.93
C ASP A 354 -6.76 3.89 8.62
N ILE A 355 -6.43 2.60 8.71
CA ILE A 355 -6.74 1.65 7.64
C ILE A 355 -8.11 1.06 7.91
N VAL A 356 -8.99 1.08 6.90
CA VAL A 356 -10.30 0.49 7.01
C VAL A 356 -10.49 -0.58 5.94
N VAL A 357 -11.37 -1.53 6.21
CA VAL A 357 -11.70 -2.60 5.28
C VAL A 357 -13.21 -2.48 5.05
N VAL A 358 -13.62 -2.39 3.78
CA VAL A 358 -15.04 -2.35 3.42
C VAL A 358 -15.71 -3.68 3.76
N THR A 359 -16.85 -3.61 4.46
CA THR A 359 -17.64 -4.78 4.80
C THR A 359 -18.95 -4.69 4.01
N GLU A 360 -19.82 -5.68 4.16
CA GLU A 360 -21.04 -5.72 3.34
C GLU A 360 -21.97 -4.53 3.59
N ASN A 361 -21.89 -3.92 4.76
CA ASN A 361 -22.78 -2.80 5.10
C ASN A 361 -22.05 -1.57 5.69
N GLY A 362 -20.74 -1.47 5.46
CA GLY A 362 -19.97 -0.37 6.01
C GLY A 362 -18.50 -0.68 5.98
N ALA A 363 -17.82 -0.33 7.07
CA ALA A 363 -16.37 -0.49 7.20
C ALA A 363 -15.95 -1.00 8.57
N LEU A 364 -14.83 -1.70 8.60
CA LEU A 364 -14.16 -2.10 9.82
C LEU A 364 -12.86 -1.35 9.82
N SER A 365 -12.56 -0.70 10.92
N SER A 365 -12.54 -0.67 10.91
CA SER A 365 -11.27 -0.06 11.11
CA SER A 365 -11.23 -0.03 11.05
C SER A 365 -10.35 -1.07 11.77
C SER A 365 -10.29 -0.90 11.84
N VAL A 366 -9.12 -1.21 11.28
CA VAL A 366 -8.16 -2.09 11.96
C VAL A 366 -7.23 -1.27 12.88
N ASN A 367 -7.40 0.05 12.89
CA ASN A 367 -6.71 0.98 13.80
C ASN A 367 -7.71 1.69 14.69
N ASN A 368 -7.50 1.61 16.00
CA ASN A 368 -8.49 2.05 16.98
C ASN A 368 -7.94 2.86 18.12
N ARG A 369 -6.84 3.53 17.89
CA ARG A 369 -6.29 4.42 18.89
C ARG A 369 -7.23 5.62 19.00
N PRO A 370 -7.20 6.34 20.13
CA PRO A 370 -8.08 7.50 20.20
C PRO A 370 -7.85 8.48 19.02
N HIS A 371 -8.91 9.14 18.56
CA HIS A 371 -8.81 10.08 17.45
C HIS A 371 -8.59 11.50 17.90
N GLU A 372 -8.69 11.74 19.21
CA GLU A 372 -8.46 13.07 19.78
C GLU A 372 -6.94 13.35 19.78
N LEU A 373 -6.58 14.63 19.80
CA LEU A 373 -5.21 15.05 19.97
C LEU A 373 -4.77 14.60 21.38
N MET A 374 -3.79 13.71 21.47
CA MET A 374 -3.33 13.19 22.76
C MET A 374 -2.39 14.22 23.39
N VAL A 375 -2.71 14.67 24.59
CA VAL A 375 -1.88 15.68 25.23
C VAL A 375 -0.89 15.02 26.16
N VAL A 376 0.37 15.00 25.74
CA VAL A 376 1.42 14.41 26.57
C VAL A 376 1.90 15.45 27.62
N PRO A 377 1.89 15.09 28.93
CA PRO A 377 2.32 16.10 29.92
C PRO A 377 3.82 16.40 29.75
N VAL A 378 4.27 17.60 30.11
CA VAL A 378 5.63 18.04 29.75
C VAL A 378 6.77 17.24 30.41
C1 EDO B . -15.00 -12.80 -23.25
O1 EDO B . -15.47 -11.55 -23.79
C2 EDO B . -15.06 -13.87 -24.33
O2 EDO B . -14.29 -13.43 -25.45
C1 EDO C . -15.40 17.12 19.35
O1 EDO C . -15.11 17.39 17.97
C2 EDO C . -14.93 15.66 19.63
O2 EDO C . -14.19 15.23 18.42
C1 EDO D . -23.07 4.96 10.22
O1 EDO D . -22.71 5.77 9.09
C2 EDO D . -22.57 3.55 9.94
O2 EDO D . -21.59 3.62 8.89
C1 EDO E . -21.32 20.45 0.81
O1 EDO E . -21.06 20.73 2.18
C2 EDO E . -22.29 21.50 0.24
O2 EDO E . -22.36 22.61 1.15
C1 EDO F . 3.59 -1.70 -5.39
O1 EDO F . 3.55 -0.43 -4.72
C2 EDO F . 2.15 -2.18 -5.71
O2 EDO F . 2.04 -2.55 -7.08
C1 EDO G . -12.16 -12.49 8.41
O1 EDO G . -10.93 -12.13 7.74
C2 EDO G . -13.33 -12.34 7.43
O2 EDO G . -13.04 -11.30 6.48
C1 EDO H . 4.14 17.36 33.89
O1 EDO H . 5.47 16.84 33.75
C2 EDO H . 4.23 18.75 34.53
O2 EDO H . 2.90 19.26 34.74
C1 EDO I . 12.57 -5.12 -11.76
O1 EDO I . 11.15 -4.99 -11.90
C2 EDO I . 12.98 -6.34 -12.57
O2 EDO I . 12.54 -6.21 -13.92
ZN ZN J . -12.80 9.72 20.33
ZN ZN K . -12.30 7.67 17.83
ZN ZN L . -1.06 5.97 4.54
ZN ZN M . 0.71 6.66 6.93
ZN ZN N . 0.41 -3.77 -9.92
ZN ZN O . 21.45 -7.05 -11.87
ZN ZN P . 6.67 -27.18 -20.27
ZN ZN Q . 14.13 21.37 10.04
ZN ZN R . 18.66 -14.44 -7.48
UNK UNX S . 0.78 7.40 4.81
UNK UNX T . 2.04 9.48 4.42
UNK UNX U . -0.24 8.98 4.18
UNK UNX V . -0.41 9.26 1.84
UNK UNX W . -15.02 8.93 18.42
UNK UNX X . -12.10 5.69 18.67
UNK UNX Y . 12.35 17.30 7.49
#